data_6HNJ
#
_entry.id   6HNJ
#
_cell.length_a   37.963
_cell.length_b   57.534
_cell.length_c   148.526
_cell.angle_alpha   90.00
_cell.angle_beta   90.00
_cell.angle_gamma   90.00
#
_symmetry.space_group_name_H-M   'P 21 21 21'
#
loop_
_entity.id
_entity.type
_entity.pdbx_description
1 polymer 'ABC-type transport system, sugar-family extracellular solute-binding protein'
2 non-polymer 1,2-ETHANEDIOL
3 non-polymer 'TRIETHYLENE GLYCOL'
4 non-polymer DI(HYDROXYETHYL)ETHER
5 water water
#
_entity_poly.entity_id   1
_entity_poly.type   'polypeptide(L)'
_entity_poly.pdbx_seq_one_letter_code
;SMASQGGDSGNSKQESNSKDKEVKKIGITQLVEHPALDATRTGFVKALEKNGFKDGENIDIDFQNAQNDMPTTQSIASKF
ASDKKDLIFAISTPSAQAAFNATKDIPILITAVSDPVAAGLVKTLEKPGTNVSGTSDFVSVDKGLELLKIFAPKAKTIGV
MYNTSEVNSKVQVDALKEYASKNGFKVVEKGITTSNEVNQGISSLVGKIDVLYVPTDNLVASSMPIVSKIATENKIPVIA
AESGPVEKGALACQGINYEKLGYKTGEMAVKILNGESVSDMPVATSDDTDIIVNEDILKALGMEKPSNENISYVKTKQE
;
_entity_poly.pdbx_strand_id   A
#
loop_
_chem_comp.id
_chem_comp.type
_chem_comp.name
_chem_comp.formula
EDO non-polymer 1,2-ETHANEDIOL 'C2 H6 O2'
PEG non-polymer DI(HYDROXYETHYL)ETHER 'C4 H10 O3'
PGE non-polymer 'TRIETHYLENE GLYCOL' 'C6 H14 O4'
#
# COMPACT_ATOMS: atom_id res chain seq x y z
N GLU A 22 -6.45 -15.16 32.83
CA GLU A 22 -6.73 -15.51 31.39
C GLU A 22 -5.78 -14.77 30.45
N VAL A 23 -5.21 -15.51 29.51
CA VAL A 23 -4.24 -14.96 28.59
C VAL A 23 -4.78 -15.16 27.19
N LYS A 24 -4.91 -14.08 26.42
CA LYS A 24 -5.39 -14.19 25.02
C LYS A 24 -4.24 -14.60 24.13
N LYS A 25 -4.44 -15.61 23.29
CA LYS A 25 -3.41 -16.10 22.39
C LYS A 25 -3.59 -15.44 21.04
N ILE A 26 -2.56 -14.74 20.60
CA ILE A 26 -2.61 -14.04 19.34
C ILE A 26 -1.54 -14.60 18.42
N GLY A 27 -1.96 -15.03 17.23
CA GLY A 27 -1.02 -15.43 16.19
C GLY A 27 -0.83 -14.31 15.19
N ILE A 28 0.40 -13.94 14.90
CA ILE A 28 0.68 -12.97 13.84
C ILE A 28 1.36 -13.68 12.68
N THR A 29 0.74 -13.66 11.49
CA THR A 29 1.26 -14.29 10.29
C THR A 29 1.65 -13.20 9.31
N GLN A 30 2.93 -13.13 8.97
CA GLN A 30 3.48 -12.12 8.06
C GLN A 30 4.24 -12.79 6.92
N LEU A 31 4.01 -12.33 5.70
CA LEU A 31 4.58 -12.92 4.51
C LEU A 31 6.09 -12.93 4.50
N VAL A 32 6.67 -11.76 4.72
CA VAL A 32 8.11 -11.58 4.58
C VAL A 32 8.53 -10.33 5.38
N GLU A 33 9.79 -10.29 5.80
CA GLU A 33 10.40 -9.06 6.35
C GLU A 33 10.43 -7.98 5.25
N HIS A 34 10.02 -6.78 5.59
CA HIS A 34 9.82 -5.70 4.62
C HIS A 34 9.47 -4.50 5.48
N PRO A 35 10.03 -3.31 5.18
CA PRO A 35 9.74 -2.14 6.04
C PRO A 35 8.24 -1.83 6.28
N ALA A 36 7.43 -1.81 5.23
CA ALA A 36 6.00 -1.53 5.39
C ALA A 36 5.30 -2.61 6.23
N LEU A 37 5.54 -3.87 5.92
CA LEU A 37 4.91 -4.95 6.69
C LEU A 37 5.35 -4.95 8.16
N ASP A 38 6.65 -4.82 8.42
CA ASP A 38 7.19 -4.69 9.79
C ASP A 38 6.56 -3.51 10.54
N ALA A 39 6.38 -2.38 9.84
CA ALA A 39 5.78 -1.20 10.50
C ALA A 39 4.35 -1.48 10.97
N THR A 40 3.57 -2.26 10.20
CA THR A 40 2.21 -2.57 10.63
C THR A 40 2.25 -3.36 11.93
N ARG A 41 3.23 -4.24 12.08
CA ARG A 41 3.31 -5.06 13.27
C ARG A 41 3.66 -4.21 14.47
N THR A 42 4.62 -3.30 14.30
CA THR A 42 4.98 -2.35 15.36
C THR A 42 3.75 -1.60 15.87
N GLY A 43 2.96 -1.05 14.95
CA GLY A 43 1.79 -0.27 15.31
C GLY A 43 0.72 -1.08 15.99
N PHE A 44 0.45 -2.27 15.45
CA PHE A 44 -0.51 -3.21 16.03
C PHE A 44 -0.16 -3.53 17.48
N VAL A 45 1.10 -3.85 17.76
CA VAL A 45 1.51 -4.15 19.13
C VAL A 45 1.42 -2.93 20.07
N LYS A 46 1.81 -1.75 19.60
CA LYS A 46 1.67 -0.52 20.41
C LYS A 46 0.25 -0.22 20.78
N ALA A 47 -0.65 -0.33 19.81
CA ALA A 47 -2.06 -0.08 20.04
C ALA A 47 -2.63 -1.04 21.11
N LEU A 48 -2.25 -2.31 21.06
CA LEU A 48 -2.70 -3.25 22.08
C LEU A 48 -2.14 -2.87 23.46
N GLU A 49 -0.85 -2.57 23.49
CA GLU A 49 -0.17 -2.15 24.72
C GLU A 49 -0.85 -0.95 25.39
N LYS A 50 -1.11 0.08 24.60
CA LYS A 50 -1.80 1.29 25.04
C LYS A 50 -3.20 1.05 25.63
N ASN A 51 -3.88 0.01 25.16
CA ASN A 51 -5.18 -0.38 25.69
C ASN A 51 -5.10 -1.50 26.73
N GLY A 52 -3.92 -1.72 27.33
CA GLY A 52 -3.76 -2.70 28.41
C GLY A 52 -3.61 -4.18 28.02
N PHE A 53 -3.30 -4.48 26.76
CA PHE A 53 -2.98 -5.86 26.35
C PHE A 53 -1.48 -6.00 26.12
N LYS A 54 -0.82 -6.69 27.06
CA LYS A 54 0.64 -6.65 27.16
C LYS A 54 1.23 -8.05 27.02
N ASP A 55 2.12 -8.19 26.05
CA ASP A 55 2.70 -9.48 25.72
C ASP A 55 3.47 -9.96 26.93
N GLY A 56 3.35 -11.25 27.21
CA GLY A 56 3.96 -11.86 28.37
C GLY A 56 3.21 -11.61 29.66
N GLU A 57 2.09 -10.86 29.63
CA GLU A 57 1.32 -10.58 30.84
C GLU A 57 -0.08 -11.14 30.67
N ASN A 58 -0.96 -10.46 29.93
CA ASN A 58 -2.33 -10.98 29.67
C ASN A 58 -2.62 -11.35 28.20
N ILE A 59 -1.61 -11.24 27.32
CA ILE A 59 -1.64 -11.80 25.96
C ILE A 59 -0.34 -12.54 25.68
N ASP A 60 -0.40 -13.45 24.71
CA ASP A 60 0.79 -14.18 24.23
C ASP A 60 0.86 -14.04 22.72
N ILE A 61 1.86 -13.34 22.23
CA ILE A 61 2.03 -13.12 20.79
C ILE A 61 2.94 -14.18 20.19
N ASP A 62 2.41 -14.90 19.20
CA ASP A 62 3.13 -15.91 18.46
C ASP A 62 3.39 -15.38 17.05
N PHE A 63 4.58 -14.84 16.83
CA PHE A 63 4.95 -14.27 15.53
C PHE A 63 5.56 -15.32 14.59
N GLN A 64 5.04 -15.44 13.37
CA GLN A 64 5.58 -16.31 12.36
C GLN A 64 5.77 -15.54 11.02
N ASN A 65 6.99 -15.51 10.56
CA ASN A 65 7.36 -14.97 9.21
C ASN A 65 7.49 -16.14 8.21
N ALA A 66 6.79 -16.06 7.09
CA ALA A 66 6.86 -17.08 6.04
C ALA A 66 8.10 -16.95 5.16
N GLN A 67 8.87 -15.88 5.30
CA GLN A 67 10.10 -15.67 4.50
C GLN A 67 9.79 -15.80 3.01
N ASN A 68 8.68 -15.17 2.61
CA ASN A 68 8.24 -15.10 1.25
C ASN A 68 7.82 -16.41 0.56
N ASP A 69 7.59 -17.49 1.32
CA ASP A 69 7.29 -18.82 0.75
C ASP A 69 5.79 -19.05 0.87
N MET A 70 5.08 -19.24 -0.24
CA MET A 70 3.63 -19.37 -0.15
C MET A 70 3.12 -20.59 0.64
N PRO A 71 3.72 -21.79 0.41
CA PRO A 71 3.26 -22.90 1.22
C PRO A 71 3.46 -22.68 2.72
N THR A 72 4.48 -21.92 3.12
CA THR A 72 4.64 -21.59 4.55
C THR A 72 3.54 -20.69 5.13
N THR A 73 2.92 -19.83 4.31
CA THR A 73 1.78 -19.05 4.75
C THR A 73 0.64 -20.02 5.17
N GLN A 74 0.50 -21.13 4.45
CA GLN A 74 -0.52 -22.13 4.76
C GLN A 74 -0.21 -22.93 6.03
N SER A 75 1.05 -23.31 6.19
CA SER A 75 1.56 -24.00 7.41
C SER A 75 1.36 -23.18 8.69
N ILE A 76 1.69 -21.89 8.58
CA ILE A 76 1.45 -20.93 9.68
C ILE A 76 -0.02 -20.85 10.05
N ALA A 77 -0.85 -20.69 9.02
CA ALA A 77 -2.28 -20.59 9.21
C ALA A 77 -2.81 -21.84 9.87
N SER A 78 -2.36 -23.01 9.40
CA SER A 78 -2.81 -24.26 9.92
C SER A 78 -2.35 -24.44 11.37
N LYS A 79 -1.14 -24.02 11.68
CA LYS A 79 -0.68 -24.08 13.07
C LYS A 79 -1.55 -23.24 14.03
N PHE A 80 -1.91 -22.04 13.59
CA PHE A 80 -2.69 -21.12 14.39
C PHE A 80 -4.08 -21.71 14.69
N ALA A 81 -4.68 -22.36 13.69
CA ALA A 81 -5.94 -23.06 13.86
C ALA A 81 -5.83 -24.22 14.86
N SER A 82 -4.81 -25.06 14.70
CA SER A 82 -4.52 -26.15 15.66
C SER A 82 -4.21 -25.62 17.07
N ASP A 83 -3.45 -24.54 17.16
CA ASP A 83 -3.21 -23.85 18.45
C ASP A 83 -4.46 -23.27 19.10
N LYS A 84 -5.53 -23.08 18.31
CA LYS A 84 -6.74 -22.41 18.70
C LYS A 84 -6.46 -21.01 19.29
N LYS A 85 -5.79 -20.20 18.51
CA LYS A 85 -5.62 -18.77 18.82
C LYS A 85 -6.96 -18.09 19.06
N ASP A 86 -6.94 -17.08 19.90
CA ASP A 86 -8.09 -16.20 20.12
C ASP A 86 -8.28 -15.21 18.96
N LEU A 87 -7.19 -14.84 18.31
CA LEU A 87 -7.19 -13.90 17.21
C LEU A 87 -5.96 -14.15 16.36
N ILE A 88 -6.15 -14.04 15.06
CA ILE A 88 -5.06 -14.05 14.10
C ILE A 88 -4.98 -12.68 13.45
N PHE A 89 -3.77 -12.11 13.43
CA PHE A 89 -3.48 -10.89 12.73
C PHE A 89 -2.63 -11.26 11.49
N ALA A 90 -3.18 -11.02 10.30
CA ALA A 90 -2.53 -11.40 9.04
C ALA A 90 -2.04 -10.18 8.27
N ILE A 91 -0.73 -10.15 8.00
CA ILE A 91 -0.08 -9.05 7.34
C ILE A 91 0.28 -9.47 5.91
N SER A 92 -0.40 -8.84 4.94
CA SER A 92 -0.33 -9.08 3.48
C SER A 92 -1.53 -9.91 3.02
N THR A 93 -1.83 -9.79 1.73
CA THR A 93 -2.93 -10.55 1.10
C THR A 93 -2.71 -12.06 1.15
N PRO A 94 -1.54 -12.56 0.70
CA PRO A 94 -1.41 -14.03 0.80
C PRO A 94 -1.45 -14.58 2.23
N SER A 95 -0.90 -13.88 3.22
CA SER A 95 -0.97 -14.33 4.58
C SER A 95 -2.43 -14.40 5.07
N ALA A 96 -3.23 -13.39 4.72
CA ALA A 96 -4.63 -13.35 5.08
C ALA A 96 -5.47 -14.42 4.37
N GLN A 97 -5.21 -14.65 3.07
CA GLN A 97 -5.91 -15.74 2.33
C GLN A 97 -5.66 -17.12 2.91
N ALA A 98 -4.41 -17.40 3.25
CA ALA A 98 -4.08 -18.63 3.91
C ALA A 98 -4.83 -18.74 5.25
N ALA A 99 -4.86 -17.66 6.03
CA ALA A 99 -5.57 -17.69 7.32
C ALA A 99 -7.04 -18.01 7.18
N PHE A 100 -7.67 -17.34 6.21
CA PHE A 100 -9.08 -17.54 5.93
C PHE A 100 -9.39 -18.96 5.40
N ASN A 101 -8.55 -19.50 4.53
CA ASN A 101 -8.67 -20.93 4.11
C ASN A 101 -8.55 -21.91 5.27
N ALA A 102 -7.71 -21.62 6.28
CA ALA A 102 -7.46 -22.52 7.41
C ALA A 102 -8.53 -22.49 8.52
N THR A 103 -9.23 -21.37 8.71
CA THR A 103 -10.21 -21.24 9.79
C THR A 103 -11.32 -20.27 9.43
N LYS A 104 -12.55 -20.70 9.70
CA LYS A 104 -13.73 -19.87 9.54
C LYS A 104 -14.32 -19.47 10.90
N ASP A 105 -13.75 -19.92 12.00
CA ASP A 105 -14.32 -19.55 13.31
C ASP A 105 -13.37 -18.82 14.30
N ILE A 106 -12.10 -18.63 13.92
CA ILE A 106 -11.19 -17.77 14.64
C ILE A 106 -11.19 -16.39 13.94
N PRO A 107 -11.39 -15.30 14.71
CA PRO A 107 -11.41 -14.01 14.06
C PRO A 107 -10.03 -13.69 13.46
N ILE A 108 -10.06 -13.17 12.25
CA ILE A 108 -8.84 -12.74 11.51
C ILE A 108 -8.91 -11.25 11.26
N LEU A 109 -7.90 -10.48 11.71
CA LEU A 109 -7.76 -9.09 11.34
C LEU A 109 -6.63 -8.96 10.37
N ILE A 110 -6.89 -8.32 9.25
CA ILE A 110 -5.89 -8.10 8.19
C ILE A 110 -5.30 -6.70 8.18
N THR A 111 -4.18 -6.55 7.50
CA THR A 111 -3.66 -5.25 7.13
C THR A 111 -2.77 -5.43 5.87
N ALA A 112 -2.41 -4.33 5.22
CA ALA A 112 -1.61 -4.34 3.99
C ALA A 112 -2.24 -5.17 2.85
N VAL A 113 -3.56 -5.14 2.77
CA VAL A 113 -4.35 -5.83 1.74
C VAL A 113 -5.02 -4.71 0.91
N SER A 114 -4.73 -4.58 -0.39
CA SER A 114 -5.30 -3.46 -1.18
C SER A 114 -6.80 -3.63 -1.34
N ASP A 115 -7.22 -4.84 -1.72
CA ASP A 115 -8.61 -5.10 -2.14
C ASP A 115 -9.17 -6.36 -1.48
N PRO A 116 -9.65 -6.22 -0.24
CA PRO A 116 -10.13 -7.40 0.45
C PRO A 116 -11.30 -8.12 -0.24
N VAL A 117 -12.17 -7.38 -0.93
CA VAL A 117 -13.28 -8.03 -1.62
C VAL A 117 -12.77 -8.91 -2.75
N ALA A 118 -11.93 -8.35 -3.62
CA ALA A 118 -11.34 -9.16 -4.69
C ALA A 118 -10.44 -10.31 -4.22
N ALA A 119 -9.78 -10.16 -3.06
CA ALA A 119 -8.99 -11.27 -2.45
C ALA A 119 -9.85 -12.43 -1.89
N GLY A 120 -11.17 -12.25 -1.81
CA GLY A 120 -12.07 -13.28 -1.38
C GLY A 120 -12.25 -13.36 0.14
N LEU A 121 -11.84 -12.31 0.87
CA LEU A 121 -11.80 -12.32 2.34
C LEU A 121 -13.11 -11.85 3.02
N VAL A 122 -13.86 -10.99 2.34
CA VAL A 122 -15.05 -10.30 2.87
C VAL A 122 -16.08 -10.10 1.73
N LYS A 123 -17.36 -10.15 2.05
CA LYS A 123 -18.44 -9.88 1.05
C LYS A 123 -18.41 -8.45 0.58
N THR A 124 -18.41 -7.52 1.54
CA THR A 124 -18.36 -6.06 1.29
C THR A 124 -17.43 -5.45 2.33
N LEU A 125 -16.85 -4.30 2.04
CA LEU A 125 -16.06 -3.55 3.03
C LEU A 125 -16.84 -3.12 4.27
N GLU A 126 -18.11 -2.75 4.09
CA GLU A 126 -18.93 -2.25 5.20
C GLU A 126 -19.44 -3.32 6.14
N LYS A 127 -19.72 -4.49 5.60
CA LYS A 127 -20.22 -5.63 6.36
C LYS A 127 -19.54 -6.87 5.82
N PRO A 128 -18.41 -7.29 6.43
CA PRO A 128 -17.68 -8.46 5.88
C PRO A 128 -18.50 -9.73 5.72
N GLY A 129 -19.34 -10.07 6.71
CA GLY A 129 -20.12 -11.31 6.67
C GLY A 129 -19.29 -12.61 6.68
N THR A 130 -18.04 -12.51 7.15
CA THR A 130 -17.10 -13.62 7.22
C THR A 130 -16.37 -13.38 8.54
N ASN A 131 -15.41 -14.26 8.87
CA ASN A 131 -14.62 -14.08 10.10
C ASN A 131 -13.39 -13.19 9.95
N VAL A 132 -13.42 -12.32 8.95
CA VAL A 132 -12.29 -11.43 8.59
C VAL A 132 -12.72 -9.97 8.60
N SER A 133 -11.93 -9.13 9.26
CA SER A 133 -12.02 -7.69 9.04
C SER A 133 -10.60 -7.11 9.09
N GLY A 134 -10.48 -5.80 9.28
CA GLY A 134 -9.20 -5.11 9.49
C GLY A 134 -9.05 -3.90 8.61
N THR A 135 -7.85 -3.71 8.06
CA THR A 135 -7.52 -2.54 7.28
C THR A 135 -7.06 -2.88 5.89
N SER A 136 -7.34 -1.96 4.99
CA SER A 136 -6.86 -1.97 3.64
C SER A 136 -5.86 -0.84 3.52
N ASP A 137 -4.83 -1.04 2.70
CA ASP A 137 -3.84 0.02 2.41
C ASP A 137 -4.12 0.66 1.05
N PHE A 138 -5.38 0.72 0.65
CA PHE A 138 -5.79 1.46 -0.54
C PHE A 138 -5.49 2.94 -0.34
N VAL A 139 -4.92 3.55 -1.37
CA VAL A 139 -4.82 5.00 -1.48
C VAL A 139 -5.39 5.43 -2.85
N SER A 140 -6.18 6.51 -2.86
CA SER A 140 -6.82 6.98 -4.09
C SER A 140 -5.75 7.60 -5.00
N VAL A 141 -5.99 7.56 -6.29
CA VAL A 141 -5.12 8.26 -7.24
C VAL A 141 -5.06 9.76 -6.90
N ASP A 142 -6.14 10.31 -6.34
CA ASP A 142 -6.30 11.73 -6.05
C ASP A 142 -5.23 12.25 -5.11
N LYS A 143 -4.89 11.47 -4.09
CA LYS A 143 -3.81 11.80 -3.15
C LYS A 143 -2.47 12.10 -3.83
N GLY A 144 -2.06 11.22 -4.73
CA GLY A 144 -0.86 11.43 -5.51
C GLY A 144 -0.97 12.61 -6.46
N LEU A 145 -2.08 12.67 -7.19
CA LEU A 145 -2.25 13.71 -8.21
C LEU A 145 -2.28 15.12 -7.61
N GLU A 146 -2.81 15.28 -6.39
CA GLU A 146 -2.69 16.54 -5.61
C GLU A 146 -1.28 17.12 -5.56
N LEU A 147 -0.26 16.23 -5.58
CA LEU A 147 1.15 16.70 -5.55
C LEU A 147 1.59 17.46 -6.84
N LEU A 148 0.79 17.39 -7.90
CA LEU A 148 0.96 18.24 -9.10
C LEU A 148 1.16 19.71 -8.73
N LYS A 149 0.41 20.18 -7.76
CA LYS A 149 0.44 21.57 -7.36
C LYS A 149 1.80 22.01 -6.83
N ILE A 150 2.52 21.07 -6.22
CA ILE A 150 3.86 21.30 -5.66
C ILE A 150 4.90 21.10 -6.77
N PHE A 151 4.84 19.96 -7.46
CA PHE A 151 5.98 19.58 -8.30
C PHE A 151 5.77 19.80 -9.77
N ALA A 152 4.54 20.08 -10.17
CA ALA A 152 4.26 20.37 -11.56
C ALA A 152 3.20 21.47 -11.67
N PRO A 153 3.47 22.66 -11.07
CA PRO A 153 2.43 23.68 -10.89
C PRO A 153 1.73 24.16 -12.14
N LYS A 154 2.44 24.29 -13.25
CA LYS A 154 1.84 24.82 -14.46
C LYS A 154 1.37 23.71 -15.41
N ALA A 155 1.25 22.47 -14.93
CA ALA A 155 0.89 21.32 -15.79
C ALA A 155 -0.47 21.45 -16.47
N LYS A 156 -0.54 21.02 -17.72
CA LYS A 156 -1.80 20.89 -18.46
C LYS A 156 -2.13 19.45 -18.85
N THR A 157 -1.10 18.61 -19.03
CA THR A 157 -1.24 17.24 -19.52
C THR A 157 -0.58 16.25 -18.55
N ILE A 158 -1.37 15.26 -18.10
CA ILE A 158 -0.90 14.22 -17.19
C ILE A 158 -0.66 12.97 -18.02
N GLY A 159 0.52 12.40 -17.91
CA GLY A 159 0.84 11.10 -18.51
C GLY A 159 0.64 9.93 -17.59
N VAL A 160 0.28 8.77 -18.16
CA VAL A 160 0.26 7.52 -17.41
C VAL A 160 0.63 6.34 -18.35
N MET A 161 1.59 5.54 -17.90
CA MET A 161 1.92 4.22 -18.49
C MET A 161 1.44 3.15 -17.53
N TYR A 162 0.87 2.08 -18.07
CA TYR A 162 0.27 1.04 -17.26
C TYR A 162 0.20 -0.27 -18.04
N ASN A 163 -0.07 -1.34 -17.29
CA ASN A 163 -0.16 -2.70 -17.79
C ASN A 163 -1.60 -2.98 -18.24
N THR A 164 -1.79 -3.10 -19.54
CA THR A 164 -3.13 -3.39 -20.10
C THR A 164 -3.71 -4.74 -19.77
N SER A 165 -2.90 -5.68 -19.28
CA SER A 165 -3.39 -6.99 -18.84
C SER A 165 -3.95 -7.02 -17.44
N GLU A 166 -3.71 -5.98 -16.65
CA GLU A 166 -4.17 -5.96 -15.28
C GLU A 166 -5.43 -5.13 -15.15
N VAL A 167 -6.47 -5.75 -14.60
CA VAL A 167 -7.73 -5.12 -14.31
C VAL A 167 -7.50 -3.97 -13.35
N ASN A 168 -6.75 -4.23 -12.29
CA ASN A 168 -6.51 -3.21 -11.28
C ASN A 168 -5.77 -1.97 -11.83
N SER A 169 -4.98 -2.12 -12.91
CA SER A 169 -4.33 -0.98 -13.55
C SER A 169 -5.36 -0.16 -14.33
N LYS A 170 -6.27 -0.83 -15.05
CA LYS A 170 -7.39 -0.12 -15.70
C LYS A 170 -8.20 0.72 -14.71
N VAL A 171 -8.62 0.13 -13.59
CA VAL A 171 -9.37 0.83 -12.56
C VAL A 171 -8.64 2.12 -12.12
N GLN A 172 -7.34 2.03 -11.85
CA GLN A 172 -6.54 3.24 -11.52
C GLN A 172 -6.47 4.29 -12.65
N VAL A 173 -6.26 3.84 -13.88
CA VAL A 173 -6.21 4.72 -15.02
C VAL A 173 -7.57 5.42 -15.21
N ASP A 174 -8.66 4.68 -15.06
CA ASP A 174 -10.02 5.29 -15.07
C ASP A 174 -10.16 6.37 -13.99
N ALA A 175 -9.64 6.11 -12.80
CA ALA A 175 -9.70 7.10 -11.73
C ALA A 175 -8.86 8.33 -12.01
N LEU A 176 -7.68 8.13 -12.59
CA LEU A 176 -6.83 9.23 -13.03
C LEU A 176 -7.56 10.10 -14.08
N LYS A 177 -8.24 9.46 -15.01
CA LYS A 177 -8.94 10.18 -16.04
C LYS A 177 -10.16 10.93 -15.48
N GLU A 178 -10.79 10.39 -14.44
CA GLU A 178 -11.85 11.10 -13.74
C GLU A 178 -11.29 12.33 -12.99
N TYR A 179 -10.21 12.16 -12.26
CA TYR A 179 -9.51 13.30 -11.66
C TYR A 179 -9.11 14.35 -12.70
N ALA A 180 -8.55 13.94 -13.83
CA ALA A 180 -8.13 14.89 -14.82
C ALA A 180 -9.33 15.73 -15.37
N SER A 181 -10.41 15.02 -15.68
CA SER A 181 -11.66 15.62 -16.14
C SER A 181 -12.23 16.62 -15.10
N LYS A 182 -12.24 16.25 -13.83
CA LYS A 182 -12.75 17.09 -12.75
C LYS A 182 -11.87 18.30 -12.38
N ASN A 183 -10.63 18.29 -12.82
CA ASN A 183 -9.65 19.32 -12.44
C ASN A 183 -9.10 20.12 -13.64
N GLY A 184 -9.59 19.88 -14.84
CA GLY A 184 -9.19 20.59 -16.03
C GLY A 184 -7.89 20.16 -16.69
N PHE A 185 -7.47 18.89 -16.53
CA PHE A 185 -6.27 18.38 -17.21
C PHE A 185 -6.59 17.50 -18.39
N LYS A 186 -5.66 17.47 -19.34
CA LYS A 186 -5.66 16.45 -20.38
C LYS A 186 -4.84 15.24 -19.92
N VAL A 187 -5.09 14.10 -20.56
CA VAL A 187 -4.41 12.83 -20.26
C VAL A 187 -3.86 12.21 -21.54
N VAL A 188 -2.60 11.78 -21.51
CA VAL A 188 -2.03 10.98 -22.55
C VAL A 188 -1.59 9.68 -21.91
N GLU A 189 -2.06 8.58 -22.46
CA GLU A 189 -1.76 7.24 -21.89
C GLU A 189 -0.88 6.40 -22.82
N LYS A 190 -0.19 5.42 -22.24
CA LYS A 190 0.57 4.43 -22.99
C LYS A 190 0.39 3.10 -22.28
N GLY A 191 -0.45 2.24 -22.85
CA GLY A 191 -0.72 0.92 -22.28
C GLY A 191 0.31 -0.04 -22.86
N ILE A 192 0.96 -0.81 -22.00
CA ILE A 192 1.95 -1.80 -22.41
C ILE A 192 1.64 -3.16 -21.79
N THR A 193 2.27 -4.22 -22.33
CA THR A 193 2.17 -5.56 -21.72
C THR A 193 3.47 -6.22 -21.26
N THR A 194 4.63 -5.80 -21.77
CA THR A 194 5.91 -6.41 -21.37
C THR A 194 6.95 -5.39 -20.94
N SER A 195 7.94 -5.82 -20.14
CA SER A 195 8.94 -4.91 -19.58
C SER A 195 9.77 -4.26 -20.66
N ASN A 196 10.00 -4.99 -21.74
CA ASN A 196 10.81 -4.45 -22.86
C ASN A 196 10.16 -3.26 -23.64
N GLU A 197 8.90 -3.00 -23.40
CA GLU A 197 8.20 -1.80 -23.96
C GLU A 197 8.37 -0.52 -23.12
N VAL A 198 8.91 -0.60 -21.89
CA VAL A 198 9.00 0.58 -21.01
C VAL A 198 9.87 1.71 -21.57
N ASN A 199 11.12 1.40 -21.89
CA ASN A 199 12.06 2.38 -22.51
C ASN A 199 11.42 3.21 -23.60
N GLN A 200 10.93 2.53 -24.62
CA GLN A 200 10.34 3.16 -25.80
C GLN A 200 9.04 3.86 -25.44
N GLY A 201 8.25 3.25 -24.55
CA GLY A 201 7.03 3.88 -24.08
C GLY A 201 7.21 5.25 -23.40
N ILE A 202 8.12 5.37 -22.45
CA ILE A 202 8.40 6.62 -21.77
CA ILE A 202 8.34 6.64 -21.80
C ILE A 202 9.09 7.61 -22.73
N SER A 203 10.02 7.09 -23.51
CA SER A 203 10.74 7.91 -24.49
C SER A 203 9.74 8.60 -25.45
N SER A 204 8.68 7.93 -25.85
CA SER A 204 7.68 8.57 -26.70
C SER A 204 6.65 9.50 -26.00
N LEU A 205 6.50 9.40 -24.67
CA LEU A 205 5.66 10.36 -23.91
C LEU A 205 6.34 11.72 -23.69
N VAL A 206 7.67 11.75 -23.86
CA VAL A 206 8.47 12.99 -23.80
C VAL A 206 7.97 14.00 -24.83
N GLY A 207 7.90 15.26 -24.41
CA GLY A 207 7.29 16.30 -25.23
C GLY A 207 5.78 16.25 -25.34
N LYS A 208 5.11 15.26 -24.74
CA LYS A 208 3.66 15.25 -24.76
C LYS A 208 3.00 15.38 -23.38
N ILE A 209 3.78 15.35 -22.31
CA ILE A 209 3.22 15.41 -20.95
C ILE A 209 4.03 16.37 -20.08
N ASP A 210 3.41 16.84 -19.01
CA ASP A 210 4.07 17.70 -18.06
C ASP A 210 4.44 17.02 -16.72
N VAL A 211 3.81 15.86 -16.46
CA VAL A 211 4.00 15.08 -15.26
C VAL A 211 3.57 13.63 -15.63
N LEU A 212 4.26 12.63 -15.07
CA LEU A 212 3.90 11.20 -15.22
C LEU A 212 3.40 10.69 -13.87
N TYR A 213 2.30 9.95 -13.92
CA TYR A 213 1.78 9.21 -12.75
C TYR A 213 2.07 7.74 -12.95
N VAL A 214 2.78 7.15 -12.00
CA VAL A 214 3.03 5.71 -11.98
C VAL A 214 2.09 5.05 -10.96
N PRO A 215 1.10 4.25 -11.44
CA PRO A 215 0.17 3.61 -10.47
C PRO A 215 0.77 2.41 -9.76
N THR A 216 -0.03 1.80 -8.86
CA THR A 216 0.30 0.53 -8.25
C THR A 216 0.19 -0.56 -9.36
N ASP A 217 1.30 -0.80 -10.02
CA ASP A 217 1.36 -1.63 -11.23
C ASP A 217 2.78 -2.19 -11.20
N ASN A 218 2.92 -3.49 -10.99
CA ASN A 218 4.25 -4.10 -10.83
C ASN A 218 5.09 -3.93 -12.08
N LEU A 219 4.47 -4.03 -13.26
CA LEU A 219 5.22 -3.92 -14.52
C LEU A 219 5.94 -2.57 -14.64
N VAL A 220 5.21 -1.49 -14.44
CA VAL A 220 5.76 -0.17 -14.67
C VAL A 220 6.55 0.28 -13.45
N ALA A 221 6.03 0.03 -12.27
CA ALA A 221 6.66 0.53 -11.04
C ALA A 221 8.05 -0.09 -10.78
N SER A 222 8.19 -1.35 -11.14
CA SER A 222 9.46 -2.08 -11.03
CA SER A 222 9.47 -2.05 -11.01
C SER A 222 10.49 -1.59 -12.05
N SER A 223 10.04 -0.84 -13.05
CA SER A 223 10.94 -0.25 -14.08
C SER A 223 11.38 1.19 -13.75
N MET A 224 11.10 1.64 -12.52
CA MET A 224 11.36 3.04 -12.14
C MET A 224 12.78 3.56 -12.42
N PRO A 225 13.82 2.70 -12.31
CA PRO A 225 15.15 3.27 -12.64
C PRO A 225 15.27 3.73 -14.10
N ILE A 226 14.62 3.03 -15.02
CA ILE A 226 14.63 3.40 -16.43
C ILE A 226 13.75 4.64 -16.70
N VAL A 227 12.54 4.62 -16.14
CA VAL A 227 11.59 5.71 -16.26
C VAL A 227 12.17 6.99 -15.64
N SER A 228 12.78 6.88 -14.48
CA SER A 228 13.30 8.02 -13.78
C SER A 228 14.37 8.71 -14.60
N LYS A 229 15.26 7.95 -15.24
CA LYS A 229 16.34 8.56 -16.05
C LYS A 229 15.86 9.36 -17.25
N ILE A 230 14.91 8.79 -17.97
CA ILE A 230 14.37 9.42 -19.14
C ILE A 230 13.54 10.62 -18.69
N ALA A 231 12.68 10.44 -17.68
CA ALA A 231 11.78 11.52 -17.28
C ALA A 231 12.58 12.70 -16.74
N THR A 232 13.50 12.40 -15.84
CA THR A 232 14.31 13.42 -15.18
C THR A 232 15.22 14.17 -16.15
N GLU A 233 15.86 13.48 -17.09
CA GLU A 233 16.70 14.21 -18.05
C GLU A 233 15.86 15.07 -19.02
N ASN A 234 14.56 14.77 -19.16
CA ASN A 234 13.62 15.62 -19.93
C ASN A 234 12.69 16.54 -19.08
N LYS A 235 13.08 16.77 -17.83
CA LYS A 235 12.49 17.70 -16.88
C LYS A 235 11.04 17.36 -16.53
N ILE A 236 10.70 16.08 -16.57
CA ILE A 236 9.34 15.61 -16.25
C ILE A 236 9.35 14.98 -14.86
N PRO A 237 8.62 15.57 -13.90
CA PRO A 237 8.53 14.98 -12.58
C PRO A 237 7.67 13.73 -12.66
N VAL A 238 7.98 12.74 -11.81
CA VAL A 238 7.20 11.53 -11.78
C VAL A 238 6.61 11.36 -10.38
N ILE A 239 5.31 11.18 -10.35
CA ILE A 239 4.59 10.86 -9.09
C ILE A 239 4.21 9.41 -9.08
N ALA A 240 4.56 8.68 -8.02
CA ALA A 240 4.24 7.26 -7.89
C ALA A 240 3.17 7.07 -6.80
N ALA A 241 2.41 6.00 -6.91
CA ALA A 241 1.36 5.66 -5.93
C ALA A 241 1.89 5.20 -4.60
N GLU A 242 3.13 4.68 -4.58
CA GLU A 242 3.73 4.07 -3.39
C GLU A 242 5.16 4.57 -3.20
N SER A 243 5.71 4.36 -2.01
CA SER A 243 7.01 4.94 -1.65
C SER A 243 8.22 4.18 -2.16
N GLY A 244 8.06 2.89 -2.43
CA GLY A 244 9.13 2.06 -2.90
C GLY A 244 9.70 2.63 -4.20
N PRO A 245 8.82 2.95 -5.17
CA PRO A 245 9.31 3.57 -6.41
C PRO A 245 10.01 4.95 -6.22
N VAL A 246 9.66 5.70 -5.19
CA VAL A 246 10.32 7.00 -4.90
C VAL A 246 11.80 6.75 -4.57
N GLU A 247 12.05 5.76 -3.74
CA GLU A 247 13.45 5.31 -3.46
C GLU A 247 14.22 4.85 -4.71
N LYS A 248 13.50 4.41 -5.75
CA LYS A 248 14.11 3.95 -6.99
C LYS A 248 14.13 4.98 -8.11
N GLY A 249 13.76 6.24 -7.85
CA GLY A 249 13.87 7.31 -8.84
C GLY A 249 12.65 8.13 -9.19
N ALA A 250 11.46 7.77 -8.66
CA ALA A 250 10.29 8.66 -8.79
C ALA A 250 10.54 9.91 -7.94
N LEU A 251 9.92 11.03 -8.29
CA LEU A 251 10.12 12.24 -7.48
C LEU A 251 9.39 12.19 -6.12
N ALA A 252 8.14 11.73 -6.12
CA ALA A 252 7.31 11.83 -4.92
C ALA A 252 6.10 10.93 -4.89
N CYS A 253 5.57 10.73 -3.68
CA CYS A 253 4.30 10.04 -3.51
C CYS A 253 3.65 10.56 -2.25
N GLN A 254 2.36 10.32 -2.11
CA GLN A 254 1.69 10.52 -0.85
C GLN A 254 1.34 9.13 -0.41
N GLY A 255 2.22 8.56 0.42
CA GLY A 255 2.16 7.16 0.77
C GLY A 255 1.54 6.90 2.12
N ILE A 256 0.85 5.76 2.23
CA ILE A 256 0.22 5.35 3.48
C ILE A 256 1.21 5.19 4.61
N ASN A 257 0.82 5.64 5.81
CA ASN A 257 1.67 5.45 6.96
C ASN A 257 1.32 4.07 7.52
N TYR A 258 2.25 3.13 7.33
CA TYR A 258 2.00 1.72 7.67
C TYR A 258 1.93 1.46 9.16
N GLU A 259 2.78 2.15 9.95
CA GLU A 259 2.69 2.01 11.38
C GLU A 259 1.33 2.46 11.88
N LYS A 260 0.80 3.56 11.36
CA LYS A 260 -0.52 4.04 11.79
C LYS A 260 -1.68 3.11 11.34
N LEU A 261 -1.54 2.56 10.15
CA LEU A 261 -2.48 1.55 9.65
C LEU A 261 -2.51 0.32 10.56
N GLY A 262 -1.34 -0.16 10.98
CA GLY A 262 -1.25 -1.21 11.98
C GLY A 262 -1.83 -0.87 13.35
N TYR A 263 -1.51 0.33 13.84
CA TYR A 263 -2.12 0.88 15.06
C TYR A 263 -3.66 0.80 15.03
N LYS A 264 -4.25 1.27 13.95
CA LYS A 264 -5.68 1.21 13.74
C LYS A 264 -6.19 -0.24 13.79
N THR A 265 -5.44 -1.16 13.16
CA THR A 265 -5.81 -2.58 13.19
C THR A 265 -5.75 -3.12 14.64
N GLY A 266 -4.74 -2.69 15.39
CA GLY A 266 -4.65 -3.02 16.80
C GLY A 266 -5.81 -2.52 17.67
N GLU A 267 -6.35 -1.35 17.35
CA GLU A 267 -7.56 -0.83 18.03
C GLU A 267 -8.77 -1.72 17.76
N MET A 268 -8.86 -2.16 16.52
CA MET A 268 -9.87 -3.13 16.11
C MET A 268 -9.70 -4.45 16.85
N ALA A 269 -8.45 -4.87 17.06
CA ALA A 269 -8.14 -6.08 17.83
C ALA A 269 -8.64 -6.02 19.25
N VAL A 270 -8.52 -4.84 19.89
CA VAL A 270 -9.03 -4.65 21.24
C VAL A 270 -10.50 -5.01 21.30
N LYS A 271 -11.29 -4.48 20.35
CA LYS A 271 -12.72 -4.78 20.32
C LYS A 271 -13.01 -6.27 20.08
N ILE A 272 -12.25 -6.91 19.18
CA ILE A 272 -12.43 -8.35 18.91
C ILE A 272 -12.06 -9.18 20.14
N LEU A 273 -10.97 -8.82 20.81
CA LEU A 273 -10.59 -9.50 22.03
C LEU A 273 -11.62 -9.33 23.15
N ASN A 274 -12.34 -8.19 23.15
CA ASN A 274 -13.42 -7.95 24.10
C ASN A 274 -14.76 -8.52 23.66
N GLY A 275 -14.78 -9.32 22.59
CA GLY A 275 -15.95 -10.09 22.19
C GLY A 275 -16.82 -9.54 21.07
N GLU A 276 -16.44 -8.42 20.47
CA GLU A 276 -17.25 -7.81 19.41
C GLU A 276 -17.16 -8.60 18.12
N SER A 277 -18.21 -8.50 17.30
CA SER A 277 -18.35 -9.38 16.13
CA SER A 277 -18.39 -9.34 16.11
C SER A 277 -17.52 -8.87 14.96
N VAL A 278 -16.57 -9.69 14.53
CA VAL A 278 -15.74 -9.35 13.39
C VAL A 278 -16.56 -9.31 12.10
N SER A 279 -17.61 -10.12 11.97
CA SER A 279 -18.43 -10.13 10.73
C SER A 279 -19.19 -8.84 10.42
N ASP A 280 -19.39 -8.01 11.47
CA ASP A 280 -20.09 -6.73 11.39
C ASP A 280 -19.17 -5.53 11.48
N MET A 281 -17.86 -5.77 11.67
CA MET A 281 -16.88 -4.69 11.79
C MET A 281 -16.43 -4.22 10.39
N PRO A 282 -16.71 -2.95 10.05
CA PRO A 282 -16.24 -2.49 8.74
C PRO A 282 -14.73 -2.55 8.58
N VAL A 283 -14.32 -2.97 7.41
CA VAL A 283 -12.94 -2.83 6.96
C VAL A 283 -12.63 -1.35 6.87
N ALA A 284 -11.59 -0.88 7.55
CA ALA A 284 -11.22 0.53 7.55
C ALA A 284 -10.14 0.81 6.47
N THR A 285 -10.08 2.03 5.96
CA THR A 285 -8.93 2.52 5.17
C THR A 285 -8.32 3.62 6.02
N SER A 286 -7.20 4.21 5.61
CA SER A 286 -6.61 5.31 6.38
C SER A 286 -6.54 6.56 5.56
N ASP A 287 -6.65 7.71 6.23
CA ASP A 287 -6.33 9.00 5.63
C ASP A 287 -4.93 9.50 6.05
N ASP A 288 -4.26 8.78 6.96
CA ASP A 288 -2.89 9.12 7.36
C ASP A 288 -1.92 8.73 6.27
N THR A 289 -1.53 9.72 5.48
CA THR A 289 -0.48 9.56 4.48
C THR A 289 0.67 10.52 4.81
N ASP A 290 1.83 10.30 4.18
CA ASP A 290 2.95 11.23 4.31
C ASP A 290 3.44 11.51 2.92
N ILE A 291 3.82 12.76 2.67
CA ILE A 291 4.47 13.12 1.41
C ILE A 291 5.94 12.72 1.49
N ILE A 292 6.37 11.88 0.55
CA ILE A 292 7.73 11.38 0.51
C ILE A 292 8.33 11.79 -0.80
N VAL A 293 9.49 12.41 -0.74
CA VAL A 293 10.13 13.04 -1.89
C VAL A 293 11.57 12.56 -2.01
N ASN A 294 11.98 12.23 -3.23
CA ASN A 294 13.35 11.82 -3.51
C ASN A 294 14.22 13.08 -3.71
N GLU A 295 15.13 13.28 -2.78
CA GLU A 295 15.95 14.50 -2.69
C GLU A 295 16.93 14.65 -3.88
N ASP A 296 17.45 13.52 -4.37
CA ASP A 296 18.36 13.51 -5.53
C ASP A 296 17.64 13.86 -6.80
N ILE A 297 16.42 13.38 -6.97
CA ILE A 297 15.65 13.67 -8.20
C ILE A 297 15.22 15.15 -8.18
N LEU A 298 14.85 15.62 -7.00
CA LEU A 298 14.48 17.04 -6.83
C LEU A 298 15.64 17.98 -7.28
N LYS A 299 16.86 17.71 -6.79
CA LYS A 299 18.07 18.44 -7.25
C LYS A 299 18.33 18.26 -8.74
N ALA A 300 18.19 17.04 -9.25
CA ALA A 300 18.43 16.79 -10.67
C ALA A 300 17.45 17.54 -11.58
N LEU A 301 16.24 17.76 -11.10
CA LEU A 301 15.26 18.59 -11.81
C LEU A 301 15.50 20.11 -11.59
N GLY A 302 16.49 20.48 -10.78
CA GLY A 302 16.77 21.89 -10.48
C GLY A 302 15.72 22.60 -9.64
N MET A 303 15.12 21.90 -8.67
CA MET A 303 14.02 22.39 -7.86
C MET A 303 14.50 22.51 -6.43
N GLU A 304 13.96 23.50 -5.71
CA GLU A 304 14.22 23.64 -4.29
C GLU A 304 13.16 22.84 -3.55
N LYS A 305 13.43 22.52 -2.29
CA LYS A 305 12.47 21.89 -1.39
C LYS A 305 11.28 22.82 -1.11
N PRO A 306 10.06 22.24 -1.09
CA PRO A 306 8.93 22.96 -0.54
C PRO A 306 9.15 23.34 0.91
N SER A 307 8.60 24.48 1.34
CA SER A 307 8.89 25.05 2.65
C SER A 307 8.00 24.46 3.75
N ASN A 308 6.99 23.68 3.37
CA ASN A 308 6.28 22.89 4.36
C ASN A 308 7.19 21.84 5.03
N GLU A 309 7.32 21.92 6.34
CA GLU A 309 8.13 20.97 7.15
C GLU A 309 7.56 19.52 7.21
N ASN A 310 6.30 19.33 6.87
CA ASN A 310 5.64 18.00 7.01
CA ASN A 310 5.65 18.04 7.02
C ASN A 310 5.79 17.23 5.70
N ILE A 311 7.03 17.14 5.24
CA ILE A 311 7.44 16.36 4.06
C ILE A 311 8.67 15.57 4.47
N SER A 312 8.69 14.28 4.12
CA SER A 312 9.86 13.43 4.30
C SER A 312 10.72 13.31 3.01
N TYR A 313 12.03 13.21 3.21
CA TYR A 313 12.97 13.13 2.12
C TYR A 313 13.71 11.77 2.17
N VAL A 314 14.02 11.25 0.99
CA VAL A 314 14.78 10.00 0.85
C VAL A 314 15.74 10.22 -0.29
N LYS A 315 16.78 9.42 -0.34
CA LYS A 315 17.72 9.41 -1.45
C LYS A 315 17.45 8.16 -2.29
N THR A 316 17.98 8.16 -3.50
CA THR A 316 17.88 7.01 -4.38
C THR A 316 18.62 5.79 -3.79
N LYS A 317 17.99 4.62 -3.84
CA LYS A 317 18.63 3.33 -3.49
C LYS A 317 19.28 2.72 -4.74
N GLN A 318 20.54 2.34 -4.63
CA GLN A 318 21.20 1.47 -5.61
C GLN A 318 20.99 0.00 -5.21
C1 EDO B . 16.43 -18.41 0.82
O1 EDO B . 15.48 -19.02 -0.07
C2 EDO B . 16.10 -18.74 2.27
O2 EDO B . 15.14 -17.81 2.79
C1 EDO C . -11.22 -0.56 -3.07
O1 EDO C . -10.30 -1.40 -3.78
C2 EDO C . -10.77 -0.48 -1.63
O2 EDO C . -11.42 0.63 -1.00
C1 EDO D . -16.39 -14.03 0.43
O1 EDO D . -17.05 -15.29 0.65
C2 EDO D . -16.41 -13.68 -1.06
O2 EDO D . -16.00 -12.32 -1.25
C1 EDO E . 1.78 20.09 -23.37
O1 EDO E . 1.13 20.11 -22.09
C2 EDO E . 3.27 20.38 -23.19
O2 EDO E . 3.96 19.14 -23.07
C1 EDO F . 4.58 22.18 -16.36
O1 EDO F . 4.24 22.85 -17.59
C2 EDO F . 5.47 23.06 -15.48
O2 EDO F . 5.05 23.00 -14.10
C1 EDO G . 0.63 -8.01 -2.30
O1 EDO G . -0.11 -9.09 -2.88
C2 EDO G . 0.90 -8.26 -0.81
O2 EDO G . -0.20 -7.92 0.06
C1 PGE H . 3.82 -4.93 0.93
O1 PGE H . 4.99 -5.42 0.24
C2 PGE H . 2.97 -4.01 0.06
O2 PGE H . 3.15 -2.64 0.44
C3 PGE H . 4.32 -2.02 -0.11
C4 PGE H . 4.34 -0.51 0.17
O4 PGE H . 6.87 -1.36 -2.17
C6 PGE H . 6.09 -0.16 -2.28
C5 PGE H . 6.15 0.63 -0.97
O3 PGE H . 5.70 -0.06 0.19
C1 PEG I . 8.42 25.44 -9.60
O1 PEG I . 8.94 24.17 -9.99
C2 PEG I . 8.42 25.58 -8.07
O2 PEG I . 7.58 24.59 -7.42
C3 PEG I . 8.06 24.15 -6.13
C4 PEG I . 9.02 22.97 -6.33
O4 PEG I . 9.34 22.36 -5.09
#